data_6O7F
#
_entry.id   6O7F
#
_cell.length_a   88.423
_cell.length_b   88.423
_cell.length_c   289.991
_cell.angle_alpha   90.00
_cell.angle_beta   90.00
_cell.angle_gamma   120.00
#
_symmetry.space_group_name_H-M   'H 3 2'
#
loop_
_entity.id
_entity.type
_entity.pdbx_description
1 polymer 'Alanine dehydrogenase'
2 non-polymer N-(2-methylpropanoyl)adenosine
3 water water
#
_entity_poly.entity_id   1
_entity_poly.type   'polypeptide(L)'
_entity_poly.pdbx_seq_one_letter_code
;MRVGIPTETKNNEFRVAITPAGVAELTRRGHEVLIQAGAGEGSAITDADFKAAGAQLVGTADQVWADADLLLKVKEPIAA
EYGRLRHGQILFTFLHLAASRACTDALLDSGTTSIAYETVQTADGALPLLAPMSEVAGRLAAQVGAYHLMRTQGGRGVLM
GGVPGVEPADVVVIGAGTAGYNAARIANGMGATVTVLDINIDKLRQLDAEFCGRIHTRYSSAYELEGAVKRADLVIGAVL
VPGAKAPKLVSNSLVAHMKPGAVLVDIAIDQGGCFEGSRPTTYDHPTFAVHDTLFYCVANMPASVPKTSTYALTNATMPY
VLELADHGWRAACRSNPALAKGLSTHEGALLSERVATDLGVPFTEPASVLA
;
_entity_poly.pdbx_strand_id   A
#
# COMPACT_ATOMS: atom_id res chain seq x y z
N MET A 1 -1.19 -21.71 20.06
CA MET A 1 -2.00 -20.91 19.14
C MET A 1 -1.69 -21.21 17.68
N ARG A 2 -2.74 -21.48 16.90
CA ARG A 2 -2.61 -21.73 15.47
C ARG A 2 -2.62 -20.43 14.68
N VAL A 3 -1.73 -20.33 13.70
CA VAL A 3 -1.67 -19.20 12.77
C VAL A 3 -2.08 -19.70 11.39
N GLY A 4 -3.04 -19.02 10.78
CA GLY A 4 -3.58 -19.44 9.51
C GLY A 4 -3.35 -18.39 8.44
N ILE A 5 -3.09 -18.85 7.22
CA ILE A 5 -2.90 -17.93 6.10
C ILE A 5 -3.70 -18.44 4.91
N PRO A 6 -4.78 -17.78 4.52
CA PRO A 6 -5.57 -18.22 3.37
C PRO A 6 -5.05 -17.61 2.08
N THR A 7 -5.44 -18.23 0.98
CA THR A 7 -5.25 -17.62 -0.34
C THR A 7 -6.00 -16.29 -0.41
N GLU A 8 -5.31 -15.27 -0.92
CA GLU A 8 -5.99 -14.01 -1.23
C GLU A 8 -7.02 -14.23 -2.34
N THR A 9 -8.19 -13.61 -2.18
CA THR A 9 -9.35 -13.86 -3.03
C THR A 9 -9.80 -12.67 -3.87
N LYS A 10 -9.30 -11.45 -3.61
CA LYS A 10 -9.68 -10.30 -4.42
C LYS A 10 -9.08 -10.42 -5.83
N ASN A 11 -9.60 -9.58 -6.72
CA ASN A 11 -9.17 -9.58 -8.12
C ASN A 11 -7.71 -9.18 -8.25
N ASN A 12 -6.93 -10.07 -8.88
CA ASN A 12 -5.52 -9.84 -9.18
C ASN A 12 -4.68 -9.62 -7.93
N GLU A 13 -5.17 -9.99 -6.75
CA GLU A 13 -4.34 -9.96 -5.55
C GLU A 13 -3.53 -11.26 -5.54
N PHE A 14 -2.27 -11.16 -5.93
CA PHE A 14 -1.36 -12.29 -5.99
C PHE A 14 -0.50 -12.45 -4.74
N ARG A 15 -0.55 -11.50 -3.81
CA ARG A 15 0.36 -11.57 -2.67
C ARG A 15 -0.13 -12.61 -1.67
N VAL A 16 0.75 -12.95 -0.73
CA VAL A 16 0.40 -13.82 0.39
C VAL A 16 0.99 -13.23 1.65
N ALA A 17 0.33 -13.50 2.79
CA ALA A 17 0.62 -12.83 4.04
C ALA A 17 1.72 -13.48 4.85
N ILE A 18 2.44 -14.47 4.30
CA ILE A 18 3.59 -15.03 4.99
C ILE A 18 4.47 -15.72 3.95
N THR A 19 5.77 -15.77 4.25
CA THR A 19 6.74 -16.46 3.42
C THR A 19 7.21 -17.68 4.18
N PRO A 20 7.95 -18.60 3.54
CA PRO A 20 8.47 -19.75 4.31
C PRO A 20 9.33 -19.33 5.49
N ALA A 21 10.10 -18.23 5.35
CA ALA A 21 10.92 -17.75 6.46
C ALA A 21 10.05 -17.47 7.69
N GLY A 22 8.94 -16.75 7.51
CA GLY A 22 8.04 -16.51 8.62
C GLY A 22 7.42 -17.79 9.15
N VAL A 23 7.12 -18.73 8.26
CA VAL A 23 6.59 -20.03 8.70
C VAL A 23 7.62 -20.75 9.55
N ALA A 24 8.87 -20.80 9.08
CA ALA A 24 9.91 -21.49 9.82
C ALA A 24 10.13 -20.88 11.19
N GLU A 25 10.02 -19.55 11.29
CA GLU A 25 10.17 -18.91 12.60
C GLU A 25 8.99 -19.21 13.50
N LEU A 26 7.77 -19.19 12.94
CA LEU A 26 6.60 -19.55 13.73
C LEU A 26 6.62 -21.02 14.12
N THR A 27 6.91 -21.89 13.15
CA THR A 27 6.97 -23.32 13.42
C THR A 27 8.06 -23.63 14.44
N ARG A 28 9.21 -22.96 14.32
CA ARG A 28 10.30 -23.14 15.29
C ARG A 28 9.85 -22.83 16.72
N ARG A 29 8.97 -21.85 16.90
CA ARG A 29 8.49 -21.47 18.22
C ARG A 29 7.27 -22.28 18.66
N GLY A 30 6.96 -23.38 17.99
CA GLY A 30 5.93 -24.28 18.45
C GLY A 30 4.50 -23.95 18.05
N HIS A 31 4.31 -23.14 17.01
CA HIS A 31 3.00 -22.78 16.52
C HIS A 31 2.66 -23.60 15.28
N GLU A 32 1.42 -24.06 15.20
CA GLU A 32 0.92 -24.60 13.95
C GLU A 32 0.72 -23.47 12.96
N VAL A 33 1.16 -23.68 11.72
CA VAL A 33 0.96 -22.73 10.65
C VAL A 33 0.11 -23.43 9.60
N LEU A 34 -1.14 -22.98 9.45
CA LEU A 34 -2.06 -23.53 8.46
C LEU A 34 -2.08 -22.60 7.24
N ILE A 35 -1.77 -23.15 6.07
CA ILE A 35 -1.78 -22.38 4.84
C ILE A 35 -2.68 -23.08 3.83
N GLN A 36 -3.58 -22.31 3.23
CA GLN A 36 -4.42 -22.84 2.16
C GLN A 36 -3.57 -23.22 0.96
N ALA A 37 -3.84 -24.39 0.39
CA ALA A 37 -3.05 -24.88 -0.74
C ALA A 37 -3.10 -23.89 -1.89
N GLY A 38 -1.93 -23.54 -2.41
CA GLY A 38 -1.81 -22.59 -3.50
C GLY A 38 -1.78 -21.14 -3.09
N ALA A 39 -1.79 -20.84 -1.79
CA ALA A 39 -1.86 -19.45 -1.35
C ALA A 39 -0.62 -18.66 -1.78
N GLY A 40 0.52 -19.32 -1.91
CA GLY A 40 1.74 -18.65 -2.29
C GLY A 40 2.15 -18.77 -3.74
N GLU A 41 1.32 -19.37 -4.59
CA GLU A 41 1.75 -19.57 -5.97
C GLU A 41 1.85 -18.26 -6.74
N GLY A 42 0.95 -17.31 -6.44
CA GLY A 42 1.04 -15.99 -7.05
C GLY A 42 2.32 -15.25 -6.77
N SER A 43 3.01 -15.60 -5.68
CA SER A 43 4.27 -14.98 -5.32
C SER A 43 5.45 -15.91 -5.57
N ALA A 44 5.27 -16.94 -6.39
CA ALA A 44 6.31 -17.92 -6.72
C ALA A 44 6.73 -18.73 -5.49
N ILE A 45 5.81 -18.93 -4.55
CA ILE A 45 6.04 -19.74 -3.36
C ILE A 45 5.21 -20.99 -3.53
N THR A 46 5.87 -22.13 -3.74
CA THR A 46 5.14 -23.35 -4.04
C THR A 46 4.61 -24.00 -2.77
N ASP A 47 3.61 -24.86 -2.94
CA ASP A 47 3.09 -25.60 -1.79
C ASP A 47 4.20 -26.36 -1.10
N ALA A 48 5.16 -26.88 -1.87
CA ALA A 48 6.29 -27.59 -1.28
C ALA A 48 7.17 -26.65 -0.47
N ASP A 49 7.36 -25.42 -0.96
CA ASP A 49 8.16 -24.45 -0.21
C ASP A 49 7.59 -24.20 1.18
N PHE A 50 6.28 -24.00 1.28
CA PHE A 50 5.65 -23.81 2.59
C PHE A 50 5.79 -25.05 3.46
N LYS A 51 5.46 -26.24 2.91
CA LYS A 51 5.52 -27.47 3.68
C LYS A 51 6.91 -27.70 4.27
N ALA A 52 7.96 -27.53 3.44
CA ALA A 52 9.31 -27.78 3.91
C ALA A 52 9.70 -26.86 5.05
N ALA A 53 9.12 -25.66 5.11
CA ALA A 53 9.34 -24.74 6.22
C ALA A 53 8.57 -25.11 7.48
N GLY A 54 7.70 -26.12 7.41
CA GLY A 54 6.95 -26.56 8.57
C GLY A 54 5.45 -26.28 8.52
N ALA A 55 4.95 -25.68 7.44
CA ALA A 55 3.52 -25.38 7.36
C ALA A 55 2.69 -26.63 7.11
N GLN A 56 1.55 -26.71 7.79
CA GLN A 56 0.56 -27.75 7.53
C GLN A 56 -0.37 -27.26 6.43
N LEU A 57 -0.22 -27.78 5.23
CA LEU A 57 -0.99 -27.28 4.10
C LEU A 57 -2.39 -27.88 4.10
N VAL A 58 -3.38 -27.05 3.79
CA VAL A 58 -4.78 -27.38 3.95
C VAL A 58 -5.51 -27.14 2.63
N GLY A 59 -6.49 -28.01 2.34
CA GLY A 59 -7.06 -28.04 1.01
C GLY A 59 -7.97 -26.85 0.70
N THR A 60 -8.74 -26.40 1.69
CA THR A 60 -9.74 -25.37 1.45
C THR A 60 -9.52 -24.17 2.36
N ALA A 61 -10.11 -23.05 1.94
CA ALA A 61 -10.11 -21.84 2.75
C ALA A 61 -10.89 -22.03 4.03
N ASP A 62 -11.98 -22.81 3.99
CA ASP A 62 -12.84 -22.94 5.16
C ASP A 62 -12.06 -23.47 6.37
N GLN A 63 -11.19 -24.45 6.15
CA GLN A 63 -10.45 -25.03 7.28
C GLN A 63 -9.45 -24.04 7.88
N VAL A 64 -8.81 -23.22 7.04
CA VAL A 64 -7.89 -22.21 7.56
C VAL A 64 -8.62 -21.22 8.45
N TRP A 65 -9.70 -20.63 7.95
CA TRP A 65 -10.47 -19.69 8.76
C TRP A 65 -10.99 -20.34 10.03
N ALA A 66 -11.32 -21.63 9.97
CA ALA A 66 -12.00 -22.28 11.09
C ALA A 66 -11.04 -22.67 12.19
N ASP A 67 -9.81 -23.03 11.85
CA ASP A 67 -8.88 -23.58 12.84
C ASP A 67 -7.87 -22.57 13.34
N ALA A 68 -7.76 -21.40 12.69
CA ALA A 68 -6.70 -20.44 12.99
C ALA A 68 -7.14 -19.47 14.07
N ASP A 69 -6.31 -19.32 15.11
CA ASP A 69 -6.53 -18.30 16.13
C ASP A 69 -6.06 -16.93 15.66
N LEU A 70 -4.96 -16.90 14.92
CA LEU A 70 -4.42 -15.67 14.34
C LEU A 70 -4.43 -15.83 12.83
N LEU A 71 -5.16 -14.97 12.15
CA LEU A 71 -5.36 -15.08 10.72
C LEU A 71 -4.68 -13.90 10.04
N LEU A 72 -3.66 -14.19 9.23
CA LEU A 72 -2.87 -13.18 8.53
C LEU A 72 -3.37 -13.08 7.11
N LYS A 73 -3.62 -11.85 6.67
CA LYS A 73 -4.02 -11.64 5.29
C LYS A 73 -3.31 -10.41 4.74
N VAL A 74 -3.48 -10.21 3.44
CA VAL A 74 -2.96 -9.04 2.75
C VAL A 74 -4.04 -7.97 2.60
N LYS A 75 -5.20 -8.34 2.07
CA LYS A 75 -6.29 -7.40 1.85
C LYS A 75 -7.42 -7.65 2.85
N GLU A 76 -8.36 -6.71 2.88
CA GLU A 76 -9.50 -6.80 3.76
C GLU A 76 -10.36 -8.01 3.37
N PRO A 77 -11.19 -8.50 4.29
CA PRO A 77 -12.14 -9.57 3.92
C PRO A 77 -13.21 -9.03 2.99
N ILE A 78 -13.50 -9.78 1.93
CA ILE A 78 -14.57 -9.44 0.99
C ILE A 78 -15.85 -10.13 1.44
N ALA A 79 -16.94 -9.87 0.72
CA ALA A 79 -18.27 -10.33 1.14
C ALA A 79 -18.30 -11.84 1.32
N ALA A 80 -17.69 -12.59 0.40
CA ALA A 80 -17.72 -14.04 0.49
C ALA A 80 -17.01 -14.58 1.73
N GLU A 81 -16.32 -13.72 2.49
CA GLU A 81 -15.57 -14.13 3.67
C GLU A 81 -16.16 -13.62 4.98
N TYR A 82 -17.20 -12.78 4.93
CA TYR A 82 -17.80 -12.28 6.17
C TYR A 82 -18.33 -13.41 7.02
N GLY A 83 -18.93 -14.42 6.39
CA GLY A 83 -19.42 -15.57 7.12
C GLY A 83 -18.35 -16.40 7.80
N ARG A 84 -17.08 -16.16 7.47
CA ARG A 84 -15.98 -16.89 8.09
C ARG A 84 -15.41 -16.18 9.30
N LEU A 85 -15.73 -14.90 9.50
CA LEU A 85 -15.24 -14.18 10.67
C LEU A 85 -15.77 -14.82 11.95
N ARG A 86 -14.90 -14.91 12.97
CA ARG A 86 -15.18 -15.63 14.21
C ARG A 86 -14.86 -14.76 15.43
N HIS A 87 -15.53 -15.08 16.54
CA HIS A 87 -15.40 -14.28 17.75
C HIS A 87 -14.02 -14.47 18.41
N GLY A 88 -13.46 -15.67 18.35
CA GLY A 88 -12.20 -15.93 19.02
C GLY A 88 -10.99 -15.90 18.11
N GLN A 89 -10.98 -14.95 17.17
CA GLN A 89 -9.96 -14.91 16.13
C GLN A 89 -9.38 -13.50 16.03
N ILE A 90 -8.06 -13.44 15.84
CA ILE A 90 -7.36 -12.19 15.57
C ILE A 90 -7.07 -12.13 14.08
N LEU A 91 -7.58 -11.10 13.42
CA LEU A 91 -7.35 -10.85 12.01
C LEU A 91 -6.37 -9.69 11.85
N PHE A 92 -5.27 -9.93 11.13
CA PHE A 92 -4.16 -8.99 10.96
C PHE A 92 -3.97 -8.80 9.46
N THR A 93 -4.39 -7.65 8.93
CA THR A 93 -4.33 -7.42 7.48
C THR A 93 -4.52 -5.93 7.20
N PHE A 94 -4.34 -5.55 5.93
CA PHE A 94 -4.75 -4.22 5.47
C PHE A 94 -6.27 -4.15 5.50
N LEU A 95 -6.83 -3.20 6.23
CA LEU A 95 -8.27 -3.17 6.41
C LEU A 95 -8.96 -2.05 5.63
N HIS A 96 -8.45 -0.82 5.71
CA HIS A 96 -9.05 0.36 5.08
C HIS A 96 -10.55 0.45 5.40
N LEU A 97 -10.84 0.52 6.71
CA LEU A 97 -12.21 0.42 7.20
C LEU A 97 -13.04 1.65 6.85
N ALA A 98 -12.41 2.83 6.78
CA ALA A 98 -13.14 4.03 6.40
C ALA A 98 -13.72 3.92 5.00
N ALA A 99 -13.14 3.08 4.14
CA ALA A 99 -13.62 2.93 2.78
C ALA A 99 -14.69 1.87 2.62
N SER A 100 -15.08 1.19 3.70
CA SER A 100 -16.08 0.14 3.59
C SER A 100 -16.85 0.04 4.91
N ARG A 101 -18.04 0.63 4.95
CA ARG A 101 -18.91 0.43 6.09
C ARG A 101 -19.36 -1.03 6.20
N ALA A 102 -19.48 -1.73 5.07
CA ALA A 102 -19.93 -3.12 5.12
C ALA A 102 -18.88 -4.03 5.74
N CYS A 103 -17.61 -3.84 5.37
CA CYS A 103 -16.55 -4.59 6.03
C CYS A 103 -16.47 -4.24 7.51
N THR A 104 -16.58 -2.94 7.84
CA THR A 104 -16.56 -2.52 9.24
C THR A 104 -17.69 -3.19 10.01
N ASP A 105 -18.90 -3.18 9.45
CA ASP A 105 -20.05 -3.80 10.14
C ASP A 105 -19.88 -5.30 10.25
N ALA A 106 -19.27 -5.94 9.24
CA ALA A 106 -19.06 -7.38 9.31
C ALA A 106 -18.09 -7.75 10.43
N LEU A 107 -16.99 -7.02 10.55
CA LEU A 107 -16.04 -7.27 11.63
C LEU A 107 -16.71 -7.06 13.00
N LEU A 108 -17.35 -5.90 13.17
CA LEU A 108 -18.00 -5.61 14.44
C LEU A 108 -19.02 -6.69 14.80
N ASP A 109 -19.94 -7.02 13.88
CA ASP A 109 -20.97 -8.01 14.17
C ASP A 109 -20.37 -9.36 14.51
N SER A 110 -19.20 -9.68 13.95
CA SER A 110 -18.53 -10.96 14.20
C SER A 110 -17.91 -11.03 15.58
N GLY A 111 -17.71 -9.88 16.24
CA GLY A 111 -16.94 -9.86 17.48
C GLY A 111 -15.46 -10.10 17.32
N THR A 112 -14.94 -10.12 16.09
CA THR A 112 -13.56 -10.50 15.89
C THR A 112 -12.62 -9.36 16.29
N THR A 113 -11.40 -9.73 16.64
CA THR A 113 -10.35 -8.76 16.94
C THR A 113 -9.54 -8.55 15.66
N SER A 114 -9.59 -7.33 15.12
CA SER A 114 -8.87 -7.01 13.90
C SER A 114 -7.88 -5.88 14.14
N ILE A 115 -6.73 -5.97 13.46
CA ILE A 115 -5.66 -4.99 13.57
C ILE A 115 -5.24 -4.63 12.15
N ALA A 116 -5.19 -3.33 11.85
CA ALA A 116 -4.94 -2.86 10.50
C ALA A 116 -3.44 -2.63 10.29
N TYR A 117 -2.89 -3.23 9.23
CA TYR A 117 -1.48 -2.99 8.93
C TYR A 117 -1.20 -1.50 8.80
N GLU A 118 -2.10 -0.75 8.13
CA GLU A 118 -1.76 0.60 7.68
C GLU A 118 -1.78 1.65 8.78
N THR A 119 -2.38 1.36 9.95
CA THR A 119 -2.34 2.29 11.07
C THR A 119 -1.41 1.86 12.18
N VAL A 120 -0.73 0.71 12.04
CA VAL A 120 0.39 0.42 12.93
C VAL A 120 1.41 1.54 12.78
N GLN A 121 1.77 2.17 13.90
CA GLN A 121 2.49 3.44 13.83
C GLN A 121 3.46 3.58 14.99
N THR A 122 4.74 3.80 14.70
CA THR A 122 5.71 3.96 15.77
C THR A 122 5.68 5.39 16.32
N ALA A 123 6.41 5.57 17.42
CA ALA A 123 6.37 6.84 18.15
C ALA A 123 6.82 8.01 17.28
N ASP A 124 7.75 7.79 16.36
CA ASP A 124 8.24 8.85 15.49
C ASP A 124 7.28 9.21 14.36
N GLY A 125 6.10 8.61 14.31
CA GLY A 125 5.11 8.91 13.28
C GLY A 125 5.10 7.99 12.08
N ALA A 126 6.11 7.13 11.94
CA ALA A 126 6.20 6.31 10.75
C ALA A 126 5.18 5.17 10.79
N LEU A 127 4.87 4.66 9.60
CA LEU A 127 3.98 3.52 9.39
C LEU A 127 4.80 2.37 8.83
N PRO A 128 5.35 1.50 9.68
CA PRO A 128 6.32 0.50 9.19
C PRO A 128 5.69 -0.61 8.36
N LEU A 129 4.38 -0.74 8.34
CA LEU A 129 3.78 -1.78 7.51
C LEU A 129 3.23 -1.23 6.21
N LEU A 130 2.89 0.06 6.19
CA LEU A 130 2.55 0.71 4.93
C LEU A 130 3.79 1.02 4.11
N ALA A 131 4.92 1.30 4.77
CA ALA A 131 6.12 1.81 4.11
C ALA A 131 6.63 0.91 2.99
N PRO A 132 6.83 -0.39 3.18
CA PRO A 132 7.27 -1.22 2.03
C PRO A 132 6.30 -1.16 0.88
N MET A 133 4.99 -1.01 1.12
CA MET A 133 4.08 -0.89 -0.01
C MET A 133 4.24 0.45 -0.71
N SER A 134 4.44 1.53 0.07
CA SER A 134 4.75 2.82 -0.54
C SER A 134 6.07 2.79 -1.29
N GLU A 135 7.05 2.02 -0.81
CA GLU A 135 8.31 1.89 -1.54
C GLU A 135 8.09 1.21 -2.88
N VAL A 136 7.37 0.08 -2.88
CA VAL A 136 7.10 -0.63 -4.13
C VAL A 136 6.31 0.24 -5.09
N ALA A 137 5.27 0.91 -4.57
CA ALA A 137 4.42 1.71 -5.44
C ALA A 137 5.19 2.87 -6.07
N GLY A 138 6.13 3.45 -5.31
CA GLY A 138 6.95 4.51 -5.89
C GLY A 138 7.80 4.02 -7.04
N ARG A 139 8.61 2.98 -6.79
CA ARG A 139 9.45 2.42 -7.84
C ARG A 139 8.62 1.96 -9.04
N LEU A 140 7.49 1.30 -8.82
CA LEU A 140 6.62 0.95 -9.94
C LEU A 140 6.17 2.19 -10.71
N ALA A 141 5.85 3.27 -10.00
CA ALA A 141 5.30 4.46 -10.66
C ALA A 141 6.22 4.96 -11.75
N ALA A 142 7.53 4.94 -11.50
CA ALA A 142 8.49 5.40 -12.49
C ALA A 142 8.53 4.46 -13.69
N GLN A 143 8.46 3.16 -13.45
CA GLN A 143 8.60 2.27 -14.58
C GLN A 143 7.30 2.12 -15.36
N VAL A 144 6.14 2.31 -14.73
CA VAL A 144 4.94 2.32 -15.57
C VAL A 144 4.79 3.67 -16.26
N GLY A 145 5.16 4.77 -15.61
CA GLY A 145 5.20 6.04 -16.29
C GLY A 145 6.10 6.00 -17.52
N ALA A 146 7.32 5.46 -17.36
CA ALA A 146 8.24 5.29 -18.49
C ALA A 146 7.55 4.55 -19.62
N TYR A 147 6.89 3.43 -19.32
CA TYR A 147 6.28 2.64 -20.37
C TYR A 147 5.23 3.46 -21.11
N HIS A 148 4.32 4.10 -20.36
CA HIS A 148 3.20 4.77 -20.99
C HIS A 148 3.59 6.05 -21.71
N LEU A 149 4.82 6.53 -21.54
CA LEU A 149 5.35 7.59 -22.38
C LEU A 149 5.66 7.11 -23.79
N MET A 150 5.74 5.81 -24.02
CA MET A 150 5.98 5.30 -25.36
C MET A 150 4.79 5.64 -26.26
N ARG A 151 5.07 6.05 -27.49
CA ARG A 151 4.03 6.48 -28.40
C ARG A 151 3.03 5.35 -28.67
N THR A 152 3.50 4.11 -28.64
CA THR A 152 2.66 2.94 -28.85
C THR A 152 1.71 2.68 -27.69
N GLN A 153 1.79 3.48 -26.62
CA GLN A 153 0.90 3.37 -25.47
C GLN A 153 0.09 4.63 -25.24
N GLY A 154 -0.06 5.46 -26.28
CA GLY A 154 -0.79 6.71 -26.15
C GLY A 154 0.01 7.86 -25.59
N GLY A 155 1.25 7.63 -25.20
CA GLY A 155 2.10 8.68 -24.66
C GLY A 155 2.73 9.53 -25.76
N ARG A 156 3.44 10.56 -25.28
CA ARG A 156 4.08 11.55 -26.14
C ARG A 156 5.20 10.95 -27.00
N GLY A 157 5.73 9.78 -26.64
CA GLY A 157 6.75 9.11 -27.42
C GLY A 157 8.14 9.56 -27.03
N VAL A 158 8.38 9.67 -25.72
CA VAL A 158 9.59 10.23 -25.16
C VAL A 158 10.28 9.16 -24.31
N LEU A 159 11.54 8.88 -24.62
CA LEU A 159 12.32 7.95 -23.83
C LEU A 159 12.71 8.62 -22.52
N MET A 160 12.59 7.89 -21.40
CA MET A 160 12.83 8.46 -20.07
C MET A 160 14.12 9.25 -20.01
N GLY A 161 15.23 8.60 -20.35
CA GLY A 161 16.53 9.23 -20.17
C GLY A 161 17.10 9.91 -21.38
N GLY A 162 16.34 10.02 -22.46
CA GLY A 162 16.94 10.50 -23.71
C GLY A 162 18.14 9.65 -24.10
N VAL A 163 18.92 10.21 -25.03
CA VAL A 163 20.23 9.69 -25.42
C VAL A 163 21.13 10.90 -25.63
N PRO A 164 22.46 10.71 -25.65
CA PRO A 164 23.35 11.89 -25.73
C PRO A 164 22.95 12.88 -26.83
N GLY A 165 22.75 14.14 -26.43
CA GLY A 165 22.36 15.16 -27.37
C GLY A 165 20.87 15.35 -27.54
N VAL A 166 20.06 14.53 -26.87
CA VAL A 166 18.61 14.60 -26.98
C VAL A 166 17.99 14.73 -25.58
N GLU A 167 16.96 15.56 -25.49
CA GLU A 167 16.34 15.90 -24.20
C GLU A 167 15.78 14.67 -23.47
N PRO A 168 16.16 14.44 -22.23
CA PRO A 168 15.47 13.44 -21.40
C PRO A 168 14.01 13.82 -21.17
N ALA A 169 13.25 12.84 -20.69
CA ALA A 169 11.91 13.12 -20.21
C ALA A 169 11.97 14.08 -19.03
N ASP A 170 10.98 14.97 -18.93
CA ASP A 170 10.85 15.89 -17.80
C ASP A 170 9.83 15.30 -16.82
N VAL A 171 10.31 14.81 -15.68
CA VAL A 171 9.51 14.07 -14.72
C VAL A 171 9.30 14.91 -13.46
N VAL A 172 8.05 15.10 -13.06
CA VAL A 172 7.71 15.84 -11.84
C VAL A 172 7.08 14.86 -10.85
N VAL A 173 7.74 14.68 -9.71
CA VAL A 173 7.18 13.93 -8.59
C VAL A 173 6.67 14.93 -7.56
N ILE A 174 5.40 14.78 -7.18
CA ILE A 174 4.75 15.67 -6.23
C ILE A 174 4.70 14.92 -4.90
N GLY A 175 5.47 15.38 -3.92
CA GLY A 175 5.52 14.71 -2.64
C GLY A 175 6.80 13.89 -2.46
N ALA A 176 7.53 14.16 -1.37
CA ALA A 176 8.82 13.54 -1.12
C ALA A 176 8.78 12.59 0.07
N GLY A 177 7.64 11.98 0.31
CA GLY A 177 7.57 10.91 1.28
C GLY A 177 8.14 9.63 0.71
N THR A 178 7.90 8.53 1.42
CA THR A 178 8.44 7.22 1.04
C THR A 178 8.18 6.90 -0.43
N ALA A 179 6.97 7.18 -0.91
CA ALA A 179 6.60 6.82 -2.26
C ALA A 179 7.27 7.75 -3.27
N GLY A 180 7.16 9.06 -3.05
CA GLY A 180 7.76 9.99 -3.98
C GLY A 180 9.27 9.90 -4.03
N TYR A 181 9.90 9.79 -2.87
CA TYR A 181 11.35 9.57 -2.86
C TYR A 181 11.71 8.37 -3.74
N ASN A 182 10.98 7.27 -3.58
CA ASN A 182 11.33 6.08 -4.36
C ASN A 182 11.02 6.27 -5.83
N ALA A 183 9.88 6.88 -6.16
CA ALA A 183 9.61 7.20 -7.56
C ALA A 183 10.69 8.09 -8.14
N ALA A 184 11.05 9.16 -7.43
CA ALA A 184 12.11 10.07 -7.89
C ALA A 184 13.41 9.32 -8.13
N ARG A 185 13.73 8.37 -7.26
CA ARG A 185 15.02 7.70 -7.35
C ARG A 185 15.10 6.83 -8.60
N ILE A 186 14.05 6.06 -8.88
CA ILE A 186 14.06 5.22 -10.07
C ILE A 186 13.96 6.08 -11.33
N ALA A 187 13.08 7.09 -11.34
CA ALA A 187 12.98 7.95 -12.51
C ALA A 187 14.33 8.58 -12.84
N ASN A 188 15.05 9.02 -11.81
CA ASN A 188 16.39 9.56 -12.01
C ASN A 188 17.36 8.46 -12.41
N GLY A 189 17.21 7.26 -11.85
CA GLY A 189 18.02 6.14 -12.30
C GLY A 189 17.85 5.83 -13.77
N MET A 190 16.66 6.09 -14.31
CA MET A 190 16.44 5.82 -15.72
C MET A 190 16.94 6.92 -16.64
N GLY A 191 17.51 7.99 -16.08
CA GLY A 191 18.08 9.07 -16.85
C GLY A 191 17.18 10.29 -16.97
N ALA A 192 15.97 10.25 -16.44
CA ALA A 192 15.08 11.39 -16.55
C ALA A 192 15.59 12.60 -15.78
N THR A 193 15.11 13.77 -16.20
CA THR A 193 15.33 15.01 -15.44
C THR A 193 14.19 15.15 -14.43
N VAL A 194 14.48 14.93 -13.16
CA VAL A 194 13.47 14.75 -12.12
C VAL A 194 13.41 15.99 -11.25
N THR A 195 12.20 16.51 -11.05
CA THR A 195 11.92 17.57 -10.11
C THR A 195 10.92 17.06 -9.07
N VAL A 196 11.26 17.17 -7.80
CA VAL A 196 10.41 16.70 -6.73
C VAL A 196 9.90 17.91 -5.96
N LEU A 197 8.60 17.93 -5.72
CA LEU A 197 7.94 19.03 -5.01
C LEU A 197 7.47 18.53 -3.65
N ASP A 198 7.59 19.41 -2.65
CA ASP A 198 7.02 19.13 -1.35
C ASP A 198 6.90 20.45 -0.60
N ILE A 199 6.00 20.47 0.39
CA ILE A 199 5.89 21.60 1.30
C ILE A 199 6.82 21.44 2.50
N ASN A 200 7.36 20.24 2.72
CA ASN A 200 8.30 19.97 3.80
C ASN A 200 9.72 20.15 3.25
N ILE A 201 10.34 21.29 3.57
CA ILE A 201 11.65 21.59 3.00
C ILE A 201 12.71 20.62 3.52
N ASP A 202 12.54 20.11 4.74
CA ASP A 202 13.51 19.14 5.26
C ASP A 202 13.58 17.91 4.38
N LYS A 203 12.44 17.51 3.83
CA LYS A 203 12.38 16.36 2.89
C LYS A 203 13.15 16.74 1.63
N LEU A 204 12.96 17.96 1.14
CA LEU A 204 13.71 18.43 -0.01
C LEU A 204 15.20 18.48 0.30
N ARG A 205 15.53 18.85 1.54
CA ARG A 205 16.93 18.92 1.95
C ARG A 205 17.58 17.55 1.90
N GLN A 206 16.87 16.51 2.35
CA GLN A 206 17.38 15.14 2.24
C GLN A 206 17.63 14.75 0.80
N LEU A 207 16.65 14.99 -0.07
CA LEU A 207 16.82 14.66 -1.49
C LEU A 207 18.01 15.41 -2.09
N ASP A 208 18.23 16.66 -1.68
CA ASP A 208 19.32 17.41 -2.24
C ASP A 208 20.66 16.85 -1.82
N ALA A 209 20.76 16.38 -0.57
CA ALA A 209 22.00 15.74 -0.15
C ALA A 209 22.20 14.41 -0.86
N GLU A 210 21.17 13.56 -0.86
CA GLU A 210 21.34 12.16 -1.20
C GLU A 210 21.78 11.98 -2.66
N PHE A 211 21.26 12.81 -3.57
CA PHE A 211 21.63 12.74 -4.98
C PHE A 211 22.48 13.93 -5.40
N CYS A 212 22.98 14.70 -4.42
CA CYS A 212 24.00 15.72 -4.64
C CYS A 212 23.52 16.79 -5.61
N GLY A 213 22.22 17.07 -5.57
CA GLY A 213 21.63 18.03 -6.46
C GLY A 213 21.08 17.46 -7.75
N ARG A 214 21.36 16.19 -8.06
CA ARG A 214 20.94 15.67 -9.36
C ARG A 214 19.43 15.57 -9.46
N ILE A 215 18.77 15.25 -8.35
CA ILE A 215 17.32 15.36 -8.28
C ILE A 215 16.98 16.78 -7.83
N HIS A 216 16.30 17.53 -8.70
CA HIS A 216 15.95 18.92 -8.44
C HIS A 216 14.80 18.99 -7.43
N THR A 217 14.85 19.98 -6.55
CA THR A 217 13.83 20.11 -5.53
C THR A 217 13.25 21.52 -5.57
N ARG A 218 11.92 21.60 -5.49
CA ARG A 218 11.20 22.86 -5.54
CA ARG A 218 11.21 22.87 -5.53
C ARG A 218 10.16 22.90 -4.43
N TYR A 219 10.05 24.04 -3.78
CA TYR A 219 9.03 24.19 -2.75
C TYR A 219 7.66 24.20 -3.42
N SER A 220 6.74 23.42 -2.87
CA SER A 220 5.47 23.12 -3.56
C SER A 220 4.43 24.19 -3.24
N SER A 221 4.58 25.34 -3.88
CA SER A 221 3.48 26.29 -3.86
C SER A 221 2.50 25.95 -4.97
N ALA A 222 1.32 26.56 -4.90
CA ALA A 222 0.37 26.40 -5.99
C ALA A 222 0.97 26.91 -7.30
N TYR A 223 1.71 28.02 -7.27
CA TYR A 223 2.36 28.52 -8.48
C TYR A 223 3.37 27.52 -9.02
N GLU A 224 4.24 27.01 -8.14
CA GLU A 224 5.29 26.11 -8.59
C GLU A 224 4.70 24.81 -9.14
N LEU A 225 3.67 24.28 -8.49
CA LEU A 225 3.00 23.07 -8.99
C LEU A 225 2.49 23.27 -10.41
N GLU A 226 1.78 24.37 -10.66
CA GLU A 226 1.25 24.62 -12.00
C GLU A 226 2.37 24.74 -13.02
N GLY A 227 3.43 25.47 -12.68
CA GLY A 227 4.54 25.63 -13.62
C GLY A 227 5.17 24.32 -14.03
N ALA A 228 5.55 23.49 -13.06
CA ALA A 228 6.28 22.27 -13.38
C ALA A 228 5.39 21.27 -14.09
N VAL A 229 4.14 21.17 -13.68
CA VAL A 229 3.22 20.24 -14.35
C VAL A 229 3.01 20.63 -15.80
N LYS A 230 2.97 21.93 -16.10
CA LYS A 230 2.80 22.34 -17.49
C LYS A 230 3.95 21.87 -18.37
N ARG A 231 5.18 21.87 -17.84
CA ARG A 231 6.36 21.50 -18.64
C ARG A 231 6.67 20.01 -18.60
N ALA A 232 5.97 19.22 -17.79
CA ALA A 232 6.35 17.83 -17.56
C ALA A 232 5.83 16.91 -18.67
N ASP A 233 6.63 15.87 -18.96
CA ASP A 233 6.18 14.75 -19.77
C ASP A 233 5.48 13.71 -18.92
N LEU A 234 5.94 13.54 -17.69
CA LEU A 234 5.42 12.55 -16.76
C LEU A 234 5.27 13.20 -15.40
N VAL A 235 4.06 13.14 -14.85
CA VAL A 235 3.75 13.64 -13.52
C VAL A 235 3.42 12.45 -12.64
N ILE A 236 4.11 12.33 -11.51
CA ILE A 236 3.84 11.28 -10.54
C ILE A 236 3.29 11.94 -9.28
N GLY A 237 2.03 11.65 -8.97
CA GLY A 237 1.39 12.19 -7.80
C GLY A 237 1.60 11.28 -6.61
N ALA A 238 2.39 11.73 -5.64
CA ALA A 238 2.82 10.89 -4.53
C ALA A 238 2.51 11.49 -3.18
N VAL A 239 1.36 12.18 -3.07
CA VAL A 239 0.95 12.83 -1.82
C VAL A 239 -0.04 11.89 -1.15
N LEU A 240 0.46 11.05 -0.26
CA LEU A 240 -0.36 10.07 0.44
C LEU A 240 -0.59 10.59 1.85
N VAL A 241 -1.58 11.48 1.96
CA VAL A 241 -1.92 12.09 3.24
C VAL A 241 -2.42 10.98 4.16
N PRO A 242 -1.76 10.76 5.30
CA PRO A 242 -2.08 9.63 6.18
C PRO A 242 -3.46 9.80 6.80
N GLY A 243 -4.35 8.86 6.52
CA GLY A 243 -5.70 8.92 7.04
C GLY A 243 -6.61 9.82 6.24
N ALA A 244 -6.21 11.07 6.07
CA ALA A 244 -6.97 12.02 5.27
C ALA A 244 -7.08 11.55 3.83
N LYS A 245 -8.21 11.86 3.20
CA LYS A 245 -8.35 11.59 1.77
C LYS A 245 -7.50 12.58 0.98
N ALA A 246 -6.94 12.10 -0.12
CA ALA A 246 -5.94 12.87 -0.83
C ALA A 246 -6.53 14.16 -1.40
N PRO A 247 -5.82 15.28 -1.27
CA PRO A 247 -6.28 16.53 -1.90
C PRO A 247 -6.09 16.48 -3.41
N LYS A 248 -6.88 17.28 -4.11
CA LYS A 248 -6.81 17.30 -5.57
C LYS A 248 -5.79 18.36 -5.99
N LEU A 249 -4.56 17.92 -6.20
CA LEU A 249 -3.45 18.82 -6.50
C LEU A 249 -3.37 19.16 -7.99
N VAL A 250 -3.79 18.25 -8.86
CA VAL A 250 -3.78 18.47 -10.30
C VAL A 250 -5.22 18.43 -10.77
N SER A 251 -5.78 19.60 -11.06
CA SER A 251 -7.16 19.70 -11.54
C SER A 251 -7.25 19.32 -13.01
N ASN A 252 -8.44 18.90 -13.43
CA ASN A 252 -8.67 18.60 -14.83
C ASN A 252 -8.46 19.83 -15.70
N SER A 253 -8.64 21.02 -15.13
CA SER A 253 -8.33 22.26 -15.84
C SER A 253 -6.83 22.39 -16.10
N LEU A 254 -6.00 22.08 -15.10
CA LEU A 254 -4.56 22.11 -15.31
C LEU A 254 -4.13 20.98 -16.26
N VAL A 255 -4.88 19.88 -16.27
CA VAL A 255 -4.55 18.76 -17.15
C VAL A 255 -4.72 19.16 -18.61
N ALA A 256 -5.67 20.06 -18.89
CA ALA A 256 -5.93 20.49 -20.27
C ALA A 256 -4.84 21.41 -20.82
N HIS A 257 -4.03 22.02 -19.96
CA HIS A 257 -2.90 22.83 -20.38
C HIS A 257 -1.58 22.06 -20.38
N MET A 258 -1.62 20.75 -20.13
CA MET A 258 -0.42 19.92 -20.12
C MET A 258 0.06 19.65 -21.54
N LYS A 259 1.30 19.20 -21.64
CA LYS A 259 1.81 18.81 -22.94
C LYS A 259 0.94 17.68 -23.49
N PRO A 260 0.67 17.66 -24.79
CA PRO A 260 -0.11 16.57 -25.37
C PRO A 260 0.61 15.24 -25.19
N GLY A 261 -0.14 14.24 -24.75
CA GLY A 261 0.47 12.94 -24.52
C GLY A 261 1.29 12.83 -23.25
N ALA A 262 1.16 13.79 -22.34
CA ALA A 262 1.77 13.65 -21.03
C ALA A 262 1.05 12.57 -20.23
N VAL A 263 1.78 11.96 -19.31
CA VAL A 263 1.29 10.82 -18.53
C VAL A 263 1.23 11.22 -17.06
N LEU A 264 0.12 10.89 -16.41
CA LEU A 264 -0.06 11.12 -14.99
C LEU A 264 -0.23 9.79 -14.27
N VAL A 265 0.64 9.54 -13.31
CA VAL A 265 0.55 8.35 -12.48
C VAL A 265 0.21 8.81 -11.06
N ASP A 266 -0.94 8.35 -10.56
CA ASP A 266 -1.41 8.67 -9.22
C ASP A 266 -1.15 7.44 -8.34
N ILE A 267 -0.16 7.53 -7.45
CA ILE A 267 0.10 6.42 -6.54
C ILE A 267 -0.47 6.77 -5.17
N ALA A 268 -1.46 7.65 -5.15
CA ALA A 268 -2.29 7.85 -3.97
C ALA A 268 -3.71 7.37 -4.21
N ILE A 269 -3.89 6.45 -5.17
CA ILE A 269 -5.22 6.08 -5.64
C ILE A 269 -5.94 5.15 -4.67
N ASP A 270 -5.20 4.53 -3.74
CA ASP A 270 -5.79 3.81 -2.63
C ASP A 270 -6.34 4.73 -1.54
N GLN A 271 -6.23 6.06 -1.73
CA GLN A 271 -6.87 7.06 -0.87
C GLN A 271 -7.73 8.01 -1.71
N GLY A 272 -8.33 7.51 -2.79
CA GLY A 272 -9.13 8.34 -3.66
C GLY A 272 -8.37 9.12 -4.72
N GLY A 273 -7.05 9.18 -4.63
CA GLY A 273 -6.21 9.83 -5.63
C GLY A 273 -5.96 11.30 -5.33
N CYS A 274 -4.77 11.77 -5.72
CA CYS A 274 -4.40 13.17 -5.52
C CYS A 274 -4.56 14.03 -6.77
N PHE A 275 -5.12 13.48 -7.85
CA PHE A 275 -5.57 14.24 -9.00
C PHE A 275 -7.09 14.35 -8.98
N GLU A 276 -7.60 15.42 -9.57
CA GLU A 276 -9.06 15.64 -9.57
C GLU A 276 -9.77 14.56 -10.36
N GLY A 277 -9.27 14.24 -11.55
CA GLY A 277 -9.94 13.32 -12.45
C GLY A 277 -9.47 11.89 -12.33
N SER A 278 -8.90 11.55 -11.18
CA SER A 278 -8.44 10.19 -10.92
C SER A 278 -9.60 9.32 -10.45
N ARG A 279 -9.71 8.13 -11.06
CA ARG A 279 -10.71 7.14 -10.71
C ARG A 279 -9.97 5.80 -10.68
N PRO A 280 -10.18 4.99 -9.64
CA PRO A 280 -9.47 3.71 -9.56
C PRO A 280 -9.71 2.84 -10.79
N THR A 281 -8.63 2.35 -11.38
CA THR A 281 -8.73 1.48 -12.55
C THR A 281 -7.97 0.17 -12.30
N THR A 282 -7.90 -0.68 -13.33
CA THR A 282 -7.52 -2.08 -13.19
C THR A 282 -6.28 -2.38 -14.03
N TYR A 283 -5.78 -3.62 -13.88
CA TYR A 283 -4.54 -4.02 -14.55
C TYR A 283 -4.75 -4.36 -16.03
N ASP A 284 -5.97 -4.74 -16.42
CA ASP A 284 -6.27 -5.00 -17.82
C ASP A 284 -6.38 -3.69 -18.61
N HIS A 285 -7.36 -2.86 -18.27
CA HIS A 285 -7.47 -1.51 -18.80
C HIS A 285 -6.85 -0.53 -17.79
N PRO A 286 -5.58 -0.15 -17.94
CA PRO A 286 -4.91 0.64 -16.90
C PRO A 286 -5.08 2.16 -17.03
N THR A 287 -5.22 2.64 -18.27
CA THR A 287 -5.20 4.08 -18.54
C THR A 287 -6.51 4.53 -19.16
N PHE A 288 -6.79 5.82 -19.01
CA PHE A 288 -7.90 6.48 -19.67
C PHE A 288 -7.47 7.89 -20.06
N ALA A 289 -8.21 8.49 -20.98
CA ALA A 289 -7.85 9.79 -21.55
C ALA A 289 -8.47 10.93 -20.76
N VAL A 290 -7.67 11.96 -20.52
CA VAL A 290 -8.13 13.22 -19.94
C VAL A 290 -7.51 14.36 -20.75
N HIS A 291 -8.28 14.94 -21.68
CA HIS A 291 -7.86 16.09 -22.48
C HIS A 291 -6.52 15.84 -23.18
N ASP A 292 -6.50 14.78 -23.99
CA ASP A 292 -5.35 14.36 -24.77
C ASP A 292 -4.13 14.00 -23.92
N THR A 293 -4.29 13.82 -22.61
CA THR A 293 -3.24 13.23 -21.78
C THR A 293 -3.71 11.88 -21.24
N LEU A 294 -2.75 11.10 -20.76
CA LEU A 294 -2.98 9.74 -20.28
C LEU A 294 -2.90 9.72 -18.74
N PHE A 295 -3.95 9.20 -18.11
CA PHE A 295 -4.00 9.04 -16.66
C PHE A 295 -3.77 7.58 -16.29
N TYR A 296 -2.92 7.34 -15.28
CA TYR A 296 -2.71 6.00 -14.74
C TYR A 296 -3.07 6.05 -13.25
N CYS A 297 -4.10 5.30 -12.88
CA CYS A 297 -4.60 5.28 -11.50
C CYS A 297 -4.89 3.86 -11.05
N VAL A 298 -3.99 2.91 -11.38
CA VAL A 298 -4.21 1.53 -10.96
C VAL A 298 -4.02 1.42 -9.45
N ALA A 299 -5.01 0.84 -8.78
CA ALA A 299 -4.97 0.69 -7.33
C ALA A 299 -4.28 -0.61 -6.95
N ASN A 300 -3.79 -0.65 -5.71
CA ASN A 300 -3.04 -1.79 -5.19
C ASN A 300 -1.93 -2.18 -6.16
N MET A 301 -1.15 -1.16 -6.56
CA MET A 301 -0.01 -1.40 -7.45
C MET A 301 0.92 -2.51 -6.99
N PRO A 302 1.33 -2.59 -5.71
CA PRO A 302 2.31 -3.61 -5.33
C PRO A 302 1.88 -5.04 -5.63
N ALA A 303 0.58 -5.30 -5.84
CA ALA A 303 0.16 -6.65 -6.18
C ALA A 303 0.67 -7.08 -7.55
N SER A 304 1.00 -6.14 -8.45
CA SER A 304 1.53 -6.53 -9.75
C SER A 304 2.97 -7.03 -9.67
N VAL A 305 3.63 -6.92 -8.52
CA VAL A 305 4.96 -7.50 -8.37
C VAL A 305 4.98 -8.31 -7.09
N PRO A 306 4.14 -9.35 -6.99
CA PRO A 306 3.95 -10.05 -5.71
C PRO A 306 5.20 -10.73 -5.18
N LYS A 307 6.08 -11.21 -6.06
CA LYS A 307 7.33 -11.80 -5.57
C LYS A 307 8.12 -10.79 -4.77
N THR A 308 8.13 -9.53 -5.20
CA THR A 308 8.77 -8.46 -4.45
C THR A 308 7.96 -8.04 -3.23
N SER A 309 6.67 -7.80 -3.42
CA SER A 309 5.93 -7.09 -2.39
C SER A 309 5.47 -8.01 -1.26
N THR A 310 5.24 -9.30 -1.55
CA THR A 310 4.95 -10.25 -0.49
C THR A 310 6.09 -10.30 0.50
N TYR A 311 7.32 -10.28 -0.01
CA TYR A 311 8.47 -10.28 0.88
C TYR A 311 8.63 -8.93 1.58
N ALA A 312 8.39 -7.82 0.88
CA ALA A 312 8.52 -6.52 1.53
C ALA A 312 7.48 -6.36 2.63
N LEU A 313 6.25 -6.80 2.37
CA LEU A 313 5.21 -6.67 3.39
C LEU A 313 5.49 -7.58 4.59
N THR A 314 5.81 -8.84 4.34
CA THR A 314 5.88 -9.78 5.45
C THR A 314 7.21 -9.68 6.22
N ASN A 315 8.27 -9.17 5.59
CA ASN A 315 9.44 -8.79 6.38
C ASN A 315 9.07 -7.77 7.44
N ALA A 316 8.14 -6.87 7.10
CA ALA A 316 7.77 -5.80 8.01
C ALA A 316 6.78 -6.26 9.06
N THR A 317 5.85 -7.16 8.70
CA THR A 317 4.85 -7.60 9.66
C THR A 317 5.36 -8.68 10.59
N MET A 318 6.40 -9.42 10.19
CA MET A 318 6.82 -10.62 10.93
C MET A 318 7.02 -10.41 12.42
N PRO A 319 7.70 -9.36 12.89
CA PRO A 319 7.85 -9.22 14.36
C PRO A 319 6.54 -8.97 15.08
N TYR A 320 5.57 -8.31 14.45
CA TYR A 320 4.25 -8.18 15.07
C TYR A 320 3.50 -9.50 15.04
N VAL A 321 3.66 -10.27 13.95
CA VAL A 321 3.04 -11.59 13.88
C VAL A 321 3.56 -12.48 15.00
N LEU A 322 4.85 -12.39 15.30
CA LEU A 322 5.43 -13.22 16.36
C LEU A 322 4.92 -12.78 17.74
N GLU A 323 4.85 -11.48 17.97
CA GLU A 323 4.30 -10.98 19.23
C GLU A 323 2.85 -11.42 19.41
N LEU A 324 2.04 -11.25 18.36
CA LEU A 324 0.64 -11.67 18.46
C LEU A 324 0.55 -13.16 18.73
N ALA A 325 1.26 -13.96 17.93
CA ALA A 325 1.21 -15.41 18.05
C ALA A 325 1.71 -15.89 19.41
N ASP A 326 2.66 -15.16 20.01
CA ASP A 326 3.22 -15.62 21.29
C ASP A 326 2.42 -15.13 22.49
N HIS A 327 1.74 -13.98 22.37
CA HIS A 327 1.13 -13.34 23.54
C HIS A 327 -0.35 -13.03 23.38
N GLY A 328 -0.92 -13.12 22.19
CA GLY A 328 -2.30 -12.72 22.00
C GLY A 328 -2.43 -11.21 21.86
N TRP A 329 -3.59 -10.79 21.35
CA TRP A 329 -3.73 -9.41 20.89
C TRP A 329 -3.55 -8.41 22.04
N ARG A 330 -4.02 -8.77 23.23
CA ARG A 330 -4.11 -7.80 24.32
C ARG A 330 -2.74 -7.53 24.93
N ALA A 331 -2.02 -8.59 25.33
CA ALA A 331 -0.67 -8.42 25.86
C ALA A 331 0.25 -7.81 24.80
N ALA A 332 0.12 -8.25 23.55
CA ALA A 332 1.01 -7.73 22.52
C ALA A 332 0.82 -6.24 22.31
N CYS A 333 -0.43 -5.78 22.29
CA CYS A 333 -0.69 -4.35 22.12
C CYS A 333 -0.31 -3.55 23.35
N ARG A 334 -0.43 -4.15 24.54
CA ARG A 334 0.04 -3.50 25.76
C ARG A 334 1.53 -3.22 25.68
N SER A 335 2.30 -4.23 25.28
CA SER A 335 3.75 -4.11 25.23
C SER A 335 4.23 -3.21 24.10
N ASN A 336 3.47 -3.13 23.01
CA ASN A 336 3.94 -2.44 21.82
C ASN A 336 2.95 -1.37 21.37
N PRO A 337 3.18 -0.11 21.73
CA PRO A 337 2.25 0.97 21.32
C PRO A 337 2.04 1.06 19.83
N ALA A 338 3.05 0.77 19.01
CA ALA A 338 2.87 0.84 17.57
C ALA A 338 1.81 -0.13 17.11
N LEU A 339 1.89 -1.38 17.56
CA LEU A 339 0.85 -2.35 17.24
C LEU A 339 -0.51 -1.88 17.75
N ALA A 340 -0.55 -1.29 18.94
CA ALA A 340 -1.81 -0.83 19.49
C ALA A 340 -2.52 0.15 18.55
N LYS A 341 -1.78 1.06 17.93
CA LYS A 341 -2.40 2.07 17.08
C LYS A 341 -3.10 1.45 15.86
N GLY A 342 -2.85 0.17 15.57
CA GLY A 342 -3.56 -0.51 14.51
C GLY A 342 -4.86 -1.17 14.93
N LEU A 343 -5.10 -1.27 16.24
CA LEU A 343 -6.31 -1.89 16.75
C LEU A 343 -7.54 -1.25 16.13
N SER A 344 -8.39 -2.07 15.52
CA SER A 344 -9.53 -1.58 14.78
C SER A 344 -10.85 -2.04 15.36
N THR A 345 -11.03 -3.35 15.57
CA THR A 345 -12.24 -3.86 16.20
C THR A 345 -11.90 -4.88 17.27
N HIS A 346 -12.84 -5.04 18.19
CA HIS A 346 -12.75 -6.09 19.21
C HIS A 346 -14.13 -6.23 19.84
N GLU A 347 -14.76 -7.38 19.64
CA GLU A 347 -16.02 -7.73 20.31
C GLU A 347 -17.10 -6.65 20.10
N GLY A 348 -17.28 -6.25 18.85
CA GLY A 348 -18.29 -5.26 18.53
C GLY A 348 -17.87 -3.82 18.75
N ALA A 349 -16.69 -3.58 19.31
CA ALA A 349 -16.24 -2.22 19.58
C ALA A 349 -15.31 -1.76 18.46
N LEU A 350 -15.62 -0.60 17.89
CA LEU A 350 -14.74 0.03 16.94
C LEU A 350 -13.73 0.86 17.73
N LEU A 351 -12.46 0.66 17.44
CA LEU A 351 -11.38 1.20 18.26
C LEU A 351 -10.58 2.28 17.55
N SER A 352 -10.99 2.67 16.35
CA SER A 352 -10.30 3.69 15.57
C SER A 352 -11.17 4.94 15.51
N GLU A 353 -10.69 6.03 16.12
CA GLU A 353 -11.44 7.26 16.13
C GLU A 353 -11.61 7.83 14.72
N ARG A 354 -10.61 7.65 13.85
CA ARG A 354 -10.70 8.20 12.49
C ARG A 354 -11.79 7.50 11.69
N VAL A 355 -11.76 6.17 11.64
CA VAL A 355 -12.81 5.40 11.00
C VAL A 355 -14.18 5.75 11.57
N ALA A 356 -14.27 5.83 12.90
CA ALA A 356 -15.56 6.04 13.55
C ALA A 356 -16.15 7.40 13.22
N THR A 357 -15.30 8.41 13.10
CA THR A 357 -15.76 9.71 12.61
C THR A 357 -16.25 9.60 11.16
N ASP A 358 -15.44 9.00 10.30
CA ASP A 358 -15.74 8.97 8.87
C ASP A 358 -17.02 8.22 8.56
N LEU A 359 -17.41 7.26 9.40
CA LEU A 359 -18.59 6.45 9.14
C LEU A 359 -19.79 6.80 10.01
N GLY A 360 -19.60 7.61 11.05
CA GLY A 360 -20.64 7.85 12.03
C GLY A 360 -21.00 6.58 12.77
N VAL A 361 -20.14 6.16 13.69
CA VAL A 361 -20.28 4.90 14.40
C VAL A 361 -19.77 5.11 15.83
N PRO A 362 -20.32 4.43 16.84
CA PRO A 362 -19.77 4.57 18.19
C PRO A 362 -18.29 4.23 18.24
N PHE A 363 -17.51 5.16 18.78
CA PHE A 363 -16.07 5.00 18.96
C PHE A 363 -15.77 4.59 20.40
N THR A 364 -15.05 3.48 20.55
CA THR A 364 -14.60 2.99 21.85
C THR A 364 -13.12 3.31 22.01
N GLU A 365 -12.78 4.00 23.10
CA GLU A 365 -11.39 4.35 23.36
C GLU A 365 -10.54 3.08 23.48
N PRO A 366 -9.43 2.98 22.74
CA PRO A 366 -8.63 1.75 22.79
C PRO A 366 -8.16 1.38 24.19
N ALA A 367 -7.99 2.36 25.07
CA ALA A 367 -7.52 2.06 26.43
C ALA A 367 -8.51 1.19 27.19
N SER A 368 -9.81 1.26 26.86
CA SER A 368 -10.81 0.52 27.59
C SER A 368 -10.68 -0.99 27.38
N VAL A 369 -10.22 -1.42 26.20
CA VAL A 369 -10.11 -2.85 25.95
C VAL A 369 -8.75 -3.40 26.34
N LEU A 370 -7.73 -2.54 26.47
CA LEU A 370 -6.38 -2.99 26.80
C LEU A 370 -6.05 -2.89 28.28
N ALA A 371 -6.56 -1.88 28.98
CA ALA A 371 -6.29 -1.74 30.40
C ALA A 371 -7.57 -1.87 31.23
#